data_4A0I
#
_entry.id   4A0I
#
_cell.length_a   113.650
_cell.length_b   70.514
_cell.length_c   82.382
_cell.angle_alpha   90.00
_cell.angle_beta   131.80
_cell.angle_gamma   90.00
#
_symmetry.space_group_name_H-M   'C 1 2 1'
#
loop_
_entity.id
_entity.type
_entity.pdbx_description
1 polymer 'BACULOVIRAL IAP REPEAT-CONTAINING PROTEIN 5'
2 polymer 'SHUGOSHIN-LIKE 1'
3 non-polymer 'ZINC ION'
#
loop_
_entity_poly.entity_id
_entity_poly.type
_entity_poly.pdbx_seq_one_letter_code
_entity_poly.pdbx_strand_id
1 'polypeptide(L)'
;MGAPTLPPAWQPFLKDHRISTFKNWPFLEGCACTPERMAEAGFIHCPTENEPDLAQCFFCFKELEGWEPDDDPIEEHKKH
SSGCAFLSVKKQFEELTLGEFLKLDRERAKNKIAKETNNKKKEFEETAKKVRRAIEQLAAMD
;
A,B
2 'polypeptide(L)' AKERC C,D
#
loop_
_chem_comp.id
_chem_comp.type
_chem_comp.name
_chem_comp.formula
ZN non-polymer 'ZINC ION' 'Zn 2'
#
# COMPACT_ATOMS: atom_id res chain seq x y z
N THR A 5 -4.67 8.07 -0.60
CA THR A 5 -5.52 6.96 -0.17
C THR A 5 -4.69 5.69 0.00
N LEU A 6 -5.35 4.61 0.41
CA LEU A 6 -4.65 3.35 0.62
C LEU A 6 -4.71 2.48 -0.61
N PRO A 7 -3.62 1.75 -0.85
CA PRO A 7 -3.56 0.79 -1.96
C PRO A 7 -4.76 -0.13 -1.82
N PRO A 8 -5.41 -0.46 -2.93
CA PRO A 8 -6.70 -1.16 -2.92
C PRO A 8 -6.58 -2.53 -2.26
N ALA A 9 -5.52 -3.26 -2.63
CA ALA A 9 -5.23 -4.56 -2.03
C ALA A 9 -5.32 -4.56 -0.51
N TRP A 10 -5.01 -3.43 0.13
CA TRP A 10 -4.96 -3.36 1.58
C TRP A 10 -6.28 -2.91 2.20
N GLN A 11 -7.25 -2.55 1.36
CA GLN A 11 -8.45 -1.89 1.87
C GLN A 11 -9.31 -2.68 2.84
N PRO A 12 -9.52 -3.98 2.56
CA PRO A 12 -10.28 -4.84 3.48
C PRO A 12 -9.78 -4.86 4.91
N PHE A 13 -8.62 -4.31 5.17
CA PHE A 13 -8.13 -4.24 6.55
C PHE A 13 -8.88 -3.13 7.26
N LEU A 14 -9.43 -2.23 6.45
CA LEU A 14 -10.15 -1.06 6.93
C LEU A 14 -11.63 -1.34 7.18
N LYS A 15 -12.09 -1.12 8.41
CA LYS A 15 -13.50 -1.34 8.74
C LYS A 15 -14.38 -0.60 7.75
N ASP A 16 -14.03 0.66 7.48
CA ASP A 16 -14.89 1.46 6.62
C ASP A 16 -14.98 0.95 5.19
N HIS A 17 -13.96 0.25 4.72
CA HIS A 17 -14.10 -0.39 3.43
C HIS A 17 -15.08 -1.57 3.51
N ARG A 18 -14.88 -2.45 4.48
CA ARG A 18 -15.73 -3.63 4.67
C ARG A 18 -17.23 -3.30 4.80
N ILE A 19 -17.55 -2.24 5.55
CA ILE A 19 -18.92 -1.81 5.71
C ILE A 19 -19.51 -1.43 4.36
N SER A 20 -18.75 -0.67 3.59
CA SER A 20 -19.18 -0.19 2.28
C SER A 20 -19.59 -1.33 1.34
N THR A 21 -19.17 -2.57 1.64
CA THR A 21 -19.45 -3.66 0.72
C THR A 21 -20.83 -4.23 0.91
N PHE A 22 -21.47 -3.87 2.03
CA PHE A 22 -22.81 -4.37 2.29
C PHE A 22 -23.84 -3.52 1.56
N LYS A 23 -24.33 -4.06 0.45
CA LYS A 23 -25.34 -3.39 -0.36
C LYS A 23 -26.53 -4.30 -0.53
N ASN A 24 -27.66 -3.88 0.04
CA ASN A 24 -28.84 -4.73 0.13
C ASN A 24 -28.68 -5.80 1.20
N TRP A 25 -27.95 -5.46 2.25
CA TRP A 25 -27.86 -6.34 3.42
C TRP A 25 -29.19 -6.25 4.18
N PRO A 26 -29.87 -7.40 4.30
CA PRO A 26 -31.21 -7.49 4.90
C PRO A 26 -31.22 -7.10 6.37
N PHE A 27 -30.15 -7.37 7.10
CA PHE A 27 -30.16 -7.19 8.55
C PHE A 27 -29.65 -5.84 9.00
N LEU A 28 -30.59 -4.98 9.41
CA LEU A 28 -30.24 -3.62 9.72
C LEU A 28 -30.48 -3.21 11.16
N GLU A 29 -30.88 -1.96 11.35
CA GLU A 29 -31.01 -1.33 12.67
C GLU A 29 -31.22 -2.24 13.88
N GLY A 30 -32.39 -2.83 14.00
CA GLY A 30 -32.69 -3.61 15.19
C GLY A 30 -31.88 -4.88 15.36
N CYS A 31 -31.15 -5.27 14.33
CA CYS A 31 -30.48 -6.57 14.30
C CYS A 31 -29.10 -6.54 14.96
N ALA A 32 -28.59 -7.73 15.28
CA ALA A 32 -27.29 -7.85 15.92
C ALA A 32 -26.18 -7.98 14.88
N CYS A 33 -26.56 -8.47 13.70
CA CYS A 33 -25.61 -8.57 12.61
C CYS A 33 -25.80 -7.47 11.57
N THR A 34 -25.73 -6.22 12.02
CA THR A 34 -25.72 -5.09 11.11
C THR A 34 -24.42 -5.10 10.32
N PRO A 35 -24.39 -4.39 9.18
CA PRO A 35 -23.15 -4.24 8.41
C PRO A 35 -21.99 -3.78 9.30
N GLU A 36 -22.20 -2.76 10.12
CA GLU A 36 -21.18 -2.29 11.05
C GLU A 36 -20.67 -3.42 11.96
N ARG A 37 -21.58 -4.12 12.62
CA ARG A 37 -21.16 -5.17 13.55
C ARG A 37 -20.49 -6.31 12.78
N MET A 38 -20.87 -6.48 11.51
CA MET A 38 -20.26 -7.48 10.61
C MET A 38 -18.85 -7.12 10.17
N ALA A 39 -18.66 -5.87 9.79
CA ALA A 39 -17.37 -5.42 9.31
C ALA A 39 -16.40 -5.51 10.47
N GLU A 40 -16.88 -5.17 11.66
CA GLU A 40 -16.05 -5.24 12.87
C GLU A 40 -15.55 -6.67 13.10
N ALA A 41 -16.35 -7.64 12.67
CA ALA A 41 -15.95 -9.05 12.75
C ALA A 41 -15.04 -9.51 11.60
N GLY A 42 -14.87 -8.66 10.60
CA GLY A 42 -14.05 -9.02 9.46
C GLY A 42 -14.77 -9.46 8.19
N PHE A 43 -16.10 -9.43 8.20
CA PHE A 43 -16.84 -9.86 7.02
C PHE A 43 -16.97 -8.77 5.95
N ILE A 44 -17.11 -9.23 4.71
CA ILE A 44 -17.52 -8.39 3.58
C ILE A 44 -18.69 -9.09 2.91
N HIS A 45 -19.59 -8.33 2.30
CA HIS A 45 -20.75 -8.90 1.63
C HIS A 45 -20.36 -9.38 0.25
N CYS A 46 -20.73 -10.62 -0.06
CA CYS A 46 -20.38 -11.21 -1.36
C CYS A 46 -21.47 -12.17 -1.78
N PRO A 47 -22.65 -11.63 -2.09
CA PRO A 47 -23.91 -12.32 -2.34
C PRO A 47 -23.94 -13.08 -3.66
N THR A 48 -24.80 -14.08 -3.75
CA THR A 48 -25.05 -14.76 -5.01
C THR A 48 -26.56 -14.90 -5.22
N GLU A 49 -26.94 -15.58 -6.29
CA GLU A 49 -28.35 -15.83 -6.57
C GLU A 49 -28.95 -16.69 -5.47
N ASN A 50 -28.41 -17.89 -5.30
CA ASN A 50 -28.96 -18.86 -4.35
C ASN A 50 -28.44 -18.69 -2.92
N GLU A 51 -27.63 -17.66 -2.68
CA GLU A 51 -27.09 -17.39 -1.36
C GLU A 51 -26.85 -15.88 -1.20
N PRO A 52 -27.94 -15.10 -1.09
CA PRO A 52 -27.90 -13.64 -1.10
C PRO A 52 -27.40 -13.01 0.20
N ASP A 53 -27.40 -13.75 1.30
CA ASP A 53 -26.87 -13.23 2.56
C ASP A 53 -25.41 -13.65 2.78
N LEU A 54 -24.76 -14.13 1.73
CA LEU A 54 -23.40 -14.67 1.85
C LEU A 54 -22.39 -13.62 2.30
N ALA A 55 -21.58 -13.99 3.28
CA ALA A 55 -20.54 -13.08 3.77
C ALA A 55 -19.23 -13.85 4.00
N GLN A 56 -18.11 -13.13 4.11
CA GLN A 56 -16.80 -13.77 4.15
C GLN A 56 -15.77 -13.01 4.99
N CYS A 57 -15.06 -13.72 5.87
CA CYS A 57 -13.93 -13.10 6.55
C CYS A 57 -12.92 -12.68 5.49
N PHE A 58 -12.42 -11.44 5.56
CA PHE A 58 -11.48 -10.98 4.55
C PHE A 58 -10.11 -11.55 4.85
N PHE A 59 -9.94 -12.05 6.07
CA PHE A 59 -8.62 -12.48 6.53
C PHE A 59 -8.43 -13.99 6.41
N CYS A 60 -9.36 -14.78 6.94
CA CYS A 60 -9.27 -16.24 6.83
C CYS A 60 -10.17 -16.81 5.71
N PHE A 61 -10.96 -15.98 5.06
CA PHE A 61 -11.82 -16.41 3.94
C PHE A 61 -12.87 -17.46 4.27
N LYS A 62 -13.28 -17.52 5.53
CA LYS A 62 -14.36 -18.38 5.94
C LYS A 62 -15.66 -17.80 5.38
N GLU A 63 -16.52 -18.63 4.82
CA GLU A 63 -17.77 -18.15 4.25
C GLU A 63 -18.98 -18.63 5.02
N LEU A 64 -19.84 -17.69 5.42
CA LEU A 64 -21.05 -18.00 6.16
C LEU A 64 -22.29 -17.42 5.50
N GLU A 65 -23.34 -18.24 5.42
CA GLU A 65 -24.66 -17.79 4.98
C GLU A 65 -25.70 -18.09 6.06
N GLY A 66 -26.97 -17.94 5.71
CA GLY A 66 -28.06 -18.27 6.62
C GLY A 66 -28.04 -17.49 7.92
N TRP A 67 -27.79 -16.19 7.81
CA TRP A 67 -27.74 -15.32 8.98
C TRP A 67 -29.12 -15.09 9.62
N GLU A 68 -29.11 -14.80 10.91
CA GLU A 68 -30.32 -14.50 11.66
C GLU A 68 -30.13 -13.22 12.46
N PRO A 69 -31.22 -12.48 12.68
CA PRO A 69 -31.14 -11.15 13.29
C PRO A 69 -30.34 -11.12 14.58
N ASP A 70 -30.41 -12.20 15.35
CA ASP A 70 -29.79 -12.21 16.67
C ASP A 70 -28.40 -12.81 16.63
N ASP A 71 -27.91 -13.07 15.43
CA ASP A 71 -26.53 -13.56 15.23
C ASP A 71 -25.51 -12.47 15.55
N ASP A 72 -24.65 -12.75 16.52
CA ASP A 72 -23.51 -11.89 16.81
C ASP A 72 -22.33 -12.30 15.94
N PRO A 73 -22.02 -11.50 14.90
CA PRO A 73 -21.02 -11.85 13.90
C PRO A 73 -19.66 -12.33 14.48
N ILE A 74 -19.20 -11.70 15.57
CA ILE A 74 -17.97 -12.13 16.22
C ILE A 74 -18.08 -13.52 16.83
N GLU A 75 -19.23 -13.79 17.47
CA GLU A 75 -19.46 -15.11 18.03
C GLU A 75 -19.53 -16.18 16.95
N GLU A 76 -20.16 -15.85 15.84
CA GLU A 76 -20.30 -16.80 14.72
C GLU A 76 -18.94 -17.06 14.07
N HIS A 77 -18.12 -16.01 13.97
CA HIS A 77 -16.80 -16.12 13.39
C HIS A 77 -15.90 -17.02 14.24
N LYS A 78 -15.88 -16.78 15.57
CA LYS A 78 -15.07 -17.60 16.48
C LYS A 78 -15.45 -19.07 16.44
N LYS A 79 -16.73 -19.37 16.37
CA LYS A 79 -17.19 -20.76 16.29
C LYS A 79 -16.72 -21.44 15.01
N HIS A 80 -16.87 -20.75 13.88
CA HIS A 80 -16.55 -21.34 12.58
C HIS A 80 -15.07 -21.30 12.16
N SER A 81 -14.34 -20.27 12.58
CA SER A 81 -12.91 -20.25 12.27
C SER A 81 -12.09 -19.74 13.45
N SER A 82 -11.98 -20.57 14.47
CA SER A 82 -11.28 -20.21 15.71
C SER A 82 -9.83 -19.88 15.44
N GLY A 83 -9.29 -20.38 14.34
CA GLY A 83 -7.90 -20.18 14.01
C GLY A 83 -7.60 -18.82 13.41
N CYS A 84 -8.64 -18.05 13.13
CA CYS A 84 -8.47 -16.79 12.42
C CYS A 84 -7.71 -15.71 13.22
N ALA A 85 -6.56 -15.31 12.70
CA ALA A 85 -5.62 -14.44 13.42
C ALA A 85 -6.15 -13.02 13.63
N PHE A 86 -7.02 -12.61 12.72
CA PHE A 86 -7.65 -11.29 12.79
C PHE A 86 -8.47 -11.23 14.05
N LEU A 87 -9.04 -12.37 14.41
CA LEU A 87 -9.82 -12.47 15.62
C LEU A 87 -8.97 -12.10 16.83
N SER A 88 -7.65 -12.13 16.65
CA SER A 88 -6.74 -11.94 17.78
C SER A 88 -6.15 -10.54 17.85
N VAL A 89 -6.25 -9.81 16.74
CA VAL A 89 -5.75 -8.45 16.68
C VAL A 89 -6.60 -7.56 17.58
N LYS A 90 -6.04 -7.18 18.72
CA LYS A 90 -6.79 -6.33 19.64
C LYS A 90 -6.53 -4.85 19.32
N LYS A 91 -5.45 -4.58 18.58
CA LYS A 91 -5.02 -3.21 18.24
C LYS A 91 -5.76 -2.55 17.07
N GLN A 92 -5.85 -1.23 17.14
CA GLN A 92 -6.45 -0.43 16.08
C GLN A 92 -5.48 -0.27 14.89
N PHE A 93 -6.02 -0.38 13.68
CA PHE A 93 -5.21 -0.40 12.46
C PHE A 93 -4.06 0.63 12.42
N GLU A 94 -4.38 1.91 12.61
CA GLU A 94 -3.35 2.93 12.63
C GLU A 94 -2.35 2.78 13.79
N GLU A 95 -2.70 1.95 14.78
CA GLU A 95 -1.84 1.72 15.96
C GLU A 95 -0.81 0.61 15.68
N LEU A 96 -1.07 -0.16 14.62
CA LEU A 96 -0.17 -1.23 14.18
C LEU A 96 1.12 -0.69 13.62
N THR A 97 2.16 -1.52 13.65
CA THR A 97 3.35 -1.21 12.91
C THR A 97 3.34 -1.89 11.54
N LEU A 98 4.17 -1.39 10.65
CA LEU A 98 4.37 -2.00 9.35
C LEU A 98 4.82 -3.44 9.51
N GLY A 99 5.80 -3.64 10.39
CA GLY A 99 6.23 -4.99 10.73
C GLY A 99 5.07 -5.88 11.08
N GLU A 100 4.32 -5.49 12.10
CA GLU A 100 3.15 -6.24 12.47
C GLU A 100 2.23 -6.40 11.27
N PHE A 101 1.93 -5.28 10.63
CA PHE A 101 1.02 -5.27 9.50
C PHE A 101 1.52 -6.14 8.36
N LEU A 102 2.82 -6.06 8.08
CA LEU A 102 3.36 -6.89 7.03
C LEU A 102 3.26 -8.38 7.37
N LYS A 103 3.51 -8.75 8.63
CA LYS A 103 3.28 -10.13 9.06
C LYS A 103 1.83 -10.54 8.86
N LEU A 104 0.90 -9.69 9.30
CA LEU A 104 -0.52 -10.00 9.12
C LEU A 104 -0.91 -10.21 7.66
N ASP A 105 -0.48 -9.29 6.81
CA ASP A 105 -0.81 -9.40 5.40
C ASP A 105 -0.28 -10.71 4.81
N ARG A 106 0.90 -11.14 5.30
CA ARG A 106 1.49 -12.42 4.91
C ARG A 106 0.59 -13.60 5.28
N GLU A 107 0.18 -13.67 6.55
CA GLU A 107 -0.75 -14.72 6.96
C GLU A 107 -2.05 -14.73 6.16
N ARG A 108 -2.48 -13.55 5.71
CA ARG A 108 -3.61 -13.50 4.80
C ARG A 108 -3.26 -14.33 3.58
N ALA A 109 -2.19 -13.92 2.89
CA ALA A 109 -1.76 -14.57 1.64
C ALA A 109 -1.79 -16.08 1.72
N LYS A 110 -1.19 -16.62 2.77
CA LYS A 110 -1.27 -18.06 3.03
C LYS A 110 -2.73 -18.54 3.17
N ASN A 111 -3.51 -17.93 4.07
CA ASN A 111 -4.90 -18.37 4.22
C ASN A 111 -5.60 -18.47 2.85
N LYS A 112 -5.30 -17.51 1.98
CA LYS A 112 -5.97 -17.42 0.68
C LYS A 112 -5.64 -18.60 -0.19
N ILE A 113 -4.38 -19.02 -0.13
CA ILE A 113 -3.90 -20.16 -0.90
C ILE A 113 -4.59 -21.38 -0.31
N ALA A 114 -4.43 -21.56 1.00
CA ALA A 114 -5.06 -22.72 1.67
C ALA A 114 -6.55 -22.82 1.31
N LYS A 115 -7.23 -21.68 1.21
CA LYS A 115 -8.63 -21.66 0.81
C LYS A 115 -8.78 -22.05 -0.66
N GLU A 116 -7.95 -21.44 -1.51
CA GLU A 116 -7.93 -21.81 -2.91
C GLU A 116 -7.69 -23.31 -3.02
N THR A 117 -6.86 -23.84 -2.13
CA THR A 117 -6.54 -25.27 -2.12
C THR A 117 -7.74 -26.09 -1.70
N ASN A 118 -8.30 -25.75 -0.54
CA ASN A 118 -9.47 -26.47 -0.03
C ASN A 118 -10.61 -26.47 -1.03
N ASN A 119 -10.74 -25.38 -1.77
CA ASN A 119 -11.77 -25.31 -2.79
C ASN A 119 -11.52 -26.30 -3.90
N LYS A 120 -10.32 -26.21 -4.49
CA LYS A 120 -9.83 -27.17 -5.48
C LYS A 120 -10.07 -28.61 -5.05
N LYS A 121 -9.89 -28.87 -3.76
CA LYS A 121 -10.14 -30.22 -3.25
C LYS A 121 -11.61 -30.56 -3.37
N LYS A 122 -12.47 -29.66 -2.88
CA LYS A 122 -13.90 -29.91 -2.87
C LYS A 122 -14.42 -30.14 -4.29
N GLU A 123 -13.96 -29.32 -5.23
CA GLU A 123 -14.39 -29.47 -6.62
C GLU A 123 -13.92 -30.81 -7.15
N PHE A 124 -12.71 -31.19 -6.76
CA PHE A 124 -12.18 -32.49 -7.13
C PHE A 124 -13.16 -33.56 -6.70
N GLU A 125 -13.47 -33.58 -5.40
CA GLU A 125 -14.33 -34.61 -4.85
C GLU A 125 -15.68 -34.72 -5.55
N GLU A 126 -16.29 -33.58 -5.88
CA GLU A 126 -17.55 -33.58 -6.61
C GLU A 126 -17.44 -34.23 -8.00
N THR A 127 -16.36 -33.92 -8.72
CA THR A 127 -16.11 -34.60 -9.99
C THR A 127 -16.03 -36.13 -9.78
N ALA A 128 -15.23 -36.54 -8.82
CA ALA A 128 -15.06 -37.96 -8.57
C ALA A 128 -16.37 -38.69 -8.24
N LYS A 129 -17.25 -38.06 -7.45
CA LYS A 129 -18.57 -38.65 -7.25
C LYS A 129 -19.28 -38.85 -8.60
N LYS A 130 -19.16 -37.88 -9.51
CA LYS A 130 -19.79 -38.02 -10.82
C LYS A 130 -19.11 -39.14 -11.58
N VAL A 131 -17.80 -39.24 -11.44
CA VAL A 131 -17.03 -40.27 -12.13
C VAL A 131 -17.42 -41.69 -11.67
N ARG A 132 -17.37 -41.95 -10.36
CA ARG A 132 -17.84 -43.24 -9.82
C ARG A 132 -19.26 -43.58 -10.32
N ARG A 133 -20.20 -42.66 -10.09
CA ARG A 133 -21.60 -42.88 -10.48
C ARG A 133 -21.72 -43.30 -11.94
N ALA A 134 -21.04 -42.56 -12.82
CA ALA A 134 -20.95 -42.92 -14.23
C ALA A 134 -20.36 -44.33 -14.52
N ILE A 135 -19.37 -44.77 -13.77
CA ILE A 135 -18.79 -46.10 -14.02
C ILE A 135 -19.71 -47.23 -13.58
N GLU A 136 -20.36 -47.04 -12.43
CA GLU A 136 -21.28 -48.04 -11.91
C GLU A 136 -22.41 -48.33 -12.89
N GLN A 137 -23.03 -47.27 -13.40
CA GLN A 137 -24.08 -47.40 -14.42
C GLN A 137 -23.60 -48.06 -15.71
N LEU A 138 -22.34 -47.80 -16.07
CA LEU A 138 -21.76 -48.35 -17.29
C LEU A 138 -21.41 -49.83 -17.15
N ALA A 139 -21.25 -50.28 -15.90
CA ALA A 139 -20.95 -51.67 -15.62
C ALA A 139 -22.24 -52.50 -15.54
N ALA A 140 -23.25 -51.98 -14.86
CA ALA A 140 -24.55 -52.64 -14.78
C ALA A 140 -25.10 -53.01 -16.16
N THR B 5 4.12 -8.17 -1.88
CA THR B 5 5.15 -7.18 -1.56
C THR B 5 4.56 -5.89 -0.99
N LEU B 6 5.13 -4.75 -1.36
CA LEU B 6 4.54 -3.46 -1.06
C LEU B 6 4.22 -2.73 -2.37
N PRO B 7 3.13 -1.95 -2.39
CA PRO B 7 2.64 -1.12 -3.50
C PRO B 7 3.72 -0.34 -4.23
N PRO B 8 3.45 0.08 -5.47
CA PRO B 8 4.43 0.71 -6.37
C PRO B 8 4.79 2.13 -5.98
N ALA B 9 3.81 2.95 -5.67
CA ALA B 9 4.07 4.35 -5.34
C ALA B 9 4.66 4.51 -3.95
N TRP B 10 4.67 3.43 -3.17
CA TRP B 10 5.19 3.49 -1.81
C TRP B 10 6.53 2.76 -1.66
N GLN B 11 7.00 2.20 -2.78
CA GLN B 11 8.29 1.51 -2.85
C GLN B 11 9.42 2.38 -2.31
N PRO B 12 9.57 3.60 -2.84
CA PRO B 12 10.72 4.42 -2.48
C PRO B 12 10.91 4.63 -1.00
N PHE B 13 10.04 4.04 -0.20
CA PHE B 13 10.14 4.23 1.24
C PHE B 13 11.06 3.16 1.75
N LEU B 14 11.23 2.16 0.89
CA LEU B 14 12.16 1.06 1.10
C LEU B 14 13.56 1.39 0.59
N LYS B 15 14.52 1.37 1.50
CA LYS B 15 15.96 1.56 1.20
C LYS B 15 16.47 0.66 0.08
N ASP B 16 16.16 -0.62 0.16
CA ASP B 16 16.63 -1.59 -0.83
C ASP B 16 16.03 -1.29 -2.18
N HIS B 17 14.88 -0.63 -2.18
CA HIS B 17 14.30 -0.24 -3.46
C HIS B 17 15.15 0.87 -4.02
N ARG B 18 15.59 1.76 -3.13
CA ARG B 18 16.28 2.98 -3.56
C ARG B 18 17.66 2.63 -4.07
N ILE B 19 18.36 1.81 -3.30
CA ILE B 19 19.64 1.30 -3.75
C ILE B 19 19.49 0.80 -5.17
N SER B 20 18.56 -0.13 -5.35
CA SER B 20 18.33 -0.75 -6.65
C SER B 20 18.23 0.24 -7.80
N THR B 21 17.99 1.52 -7.51
CA THR B 21 17.81 2.47 -8.62
C THR B 21 19.13 3.00 -9.14
N PHE B 22 20.20 2.74 -8.40
CA PHE B 22 21.51 3.21 -8.81
C PHE B 22 22.15 2.23 -9.81
N LYS B 23 22.07 2.60 -11.08
CA LYS B 23 22.64 1.79 -12.14
C LYS B 23 23.62 2.63 -12.95
N ASN B 24 24.88 2.22 -12.90
CA ASN B 24 25.96 3.02 -13.45
C ASN B 24 26.29 4.23 -12.57
N TRP B 25 26.05 4.09 -11.26
CA TRP B 25 26.51 5.10 -10.31
C TRP B 25 28.03 5.05 -10.22
N PRO B 26 28.69 6.16 -10.60
CA PRO B 26 30.15 6.26 -10.67
C PRO B 26 30.82 6.07 -9.31
N PHE B 27 30.17 6.48 -8.23
CA PHE B 27 30.85 6.49 -6.94
C PHE B 27 30.63 5.25 -6.12
N LEU B 28 31.66 4.42 -6.05
CA LEU B 28 31.50 3.11 -5.42
C LEU B 28 32.39 2.90 -4.20
N GLU B 29 32.83 1.65 -4.04
CA GLU B 29 33.52 1.19 -2.84
C GLU B 29 34.24 2.23 -1.97
N GLY B 30 35.35 2.78 -2.47
CA GLY B 30 36.15 3.68 -1.67
C GLY B 30 35.55 5.03 -1.36
N CYS B 31 34.40 5.32 -1.99
CA CYS B 31 33.76 6.61 -1.87
C CYS B 31 32.82 6.72 -0.67
N ALA B 32 32.49 7.96 -0.30
CA ALA B 32 31.57 8.22 0.81
C ALA B 32 30.14 8.24 0.33
N CYS B 33 29.94 8.55 -0.94
CA CYS B 33 28.57 8.60 -1.48
C CYS B 33 28.28 7.38 -2.36
N THR B 34 28.43 6.20 -1.76
CA THR B 34 28.03 4.96 -2.41
C THR B 34 26.52 4.94 -2.53
N PRO B 35 26.00 4.09 -3.42
CA PRO B 35 24.55 3.86 -3.52
C PRO B 35 23.93 3.60 -2.16
N GLU B 36 24.51 2.67 -1.39
CA GLU B 36 24.01 2.38 -0.05
C GLU B 36 23.94 3.64 0.82
N ARG B 37 25.06 4.37 0.91
CA ARG B 37 25.07 5.56 1.76
C ARG B 37 24.09 6.63 1.24
N MET B 38 23.84 6.61 -0.08
CA MET B 38 22.90 7.51 -0.75
C MET B 38 21.45 7.17 -0.45
N ALA B 39 21.12 5.89 -0.55
CA ALA B 39 19.76 5.45 -0.33
C ALA B 39 19.41 5.71 1.13
N GLU B 40 20.37 5.48 2.00
CA GLU B 40 20.18 5.76 3.42
C GLU B 40 19.78 7.23 3.65
N ALA B 41 20.26 8.11 2.77
CA ALA B 41 19.95 9.54 2.87
C ALA B 41 18.62 9.88 2.20
N GLY B 42 18.03 8.93 1.47
CA GLY B 42 16.78 9.18 0.78
C GLY B 42 16.85 9.39 -0.73
N PHE B 43 18.05 9.33 -1.31
CA PHE B 43 18.20 9.54 -2.74
C PHE B 43 17.88 8.35 -3.61
N ILE B 44 17.46 8.62 -4.83
CA ILE B 44 17.31 7.62 -5.86
C ILE B 44 18.02 8.17 -7.10
N HIS B 45 18.59 7.29 -7.93
CA HIS B 45 19.31 7.73 -9.11
C HIS B 45 18.32 8.06 -10.22
N CYS B 46 18.47 9.23 -10.81
CA CYS B 46 17.60 9.64 -11.90
C CYS B 46 18.39 10.49 -12.90
N PRO B 47 19.34 9.85 -13.61
CA PRO B 47 20.34 10.44 -14.50
C PRO B 47 19.75 11.02 -15.77
N THR B 48 20.46 11.97 -16.37
CA THR B 48 20.11 12.48 -17.70
C THR B 48 21.35 12.52 -18.57
N GLU B 49 21.21 13.03 -19.79
CA GLU B 49 22.33 13.17 -20.69
C GLU B 49 23.35 14.14 -20.09
N ASN B 50 22.91 15.39 -19.85
CA ASN B 50 23.80 16.44 -19.40
C ASN B 50 24.00 16.49 -17.88
N GLU B 51 23.38 15.53 -17.17
CA GLU B 51 23.51 15.46 -15.71
C GLU B 51 23.40 14.00 -15.25
N PRO B 52 24.42 13.20 -15.53
CA PRO B 52 24.42 11.74 -15.33
C PRO B 52 24.58 11.29 -13.88
N ASP B 53 25.05 12.18 -13.00
CA ASP B 53 25.13 11.87 -11.58
C ASP B 53 23.92 12.38 -10.81
N LEU B 54 22.85 12.74 -11.52
CA LEU B 54 21.69 13.35 -10.89
C LEU B 54 21.00 12.42 -9.89
N ALA B 55 20.69 12.95 -8.71
CA ALA B 55 20.04 12.16 -7.68
C ALA B 55 18.91 13.01 -7.02
N GLN B 56 17.98 12.36 -6.32
CA GLN B 56 16.82 13.05 -5.78
C GLN B 56 16.30 12.45 -4.48
N CYS B 57 16.03 13.30 -3.48
CA CYS B 57 15.29 12.82 -2.31
C CYS B 57 13.94 12.31 -2.75
N PHE B 58 13.57 11.13 -2.28
CA PHE B 58 12.28 10.56 -2.67
C PHE B 58 11.17 11.24 -1.90
N PHE B 59 11.56 11.87 -0.80
CA PHE B 59 10.59 12.45 0.12
C PHE B 59 10.35 13.92 -0.11
N CYS B 60 11.42 14.72 -0.21
CA CYS B 60 11.28 16.16 -0.43
C CYS B 60 11.55 16.56 -1.89
N PHE B 61 12.01 15.62 -2.70
CA PHE B 61 12.23 15.87 -4.14
C PHE B 61 13.27 16.95 -4.46
N LYS B 62 14.21 17.13 -3.54
CA LYS B 62 15.34 18.01 -3.78
C LYS B 62 16.25 17.28 -4.75
N GLU B 63 16.77 18.00 -5.75
CA GLU B 63 17.64 17.37 -6.74
C GLU B 63 19.07 17.89 -6.66
N LEU B 64 20.02 16.96 -6.55
CA LEU B 64 21.44 17.30 -6.46
C LEU B 64 22.27 16.59 -7.53
N GLU B 65 23.16 17.34 -8.17
CA GLU B 65 24.14 16.78 -9.10
C GLU B 65 25.53 17.18 -8.63
N GLY B 66 26.53 16.94 -9.48
CA GLY B 66 27.91 17.32 -9.21
C GLY B 66 28.47 16.73 -7.94
N TRP B 67 28.21 15.45 -7.72
CA TRP B 67 28.72 14.73 -6.57
C TRP B 67 30.25 14.55 -6.59
N GLU B 68 30.81 14.41 -5.39
CA GLU B 68 32.24 14.15 -5.23
C GLU B 68 32.45 12.99 -4.27
N PRO B 69 33.53 12.22 -4.47
CA PRO B 69 33.76 11.00 -3.71
C PRO B 69 33.60 11.18 -2.21
N ASP B 70 34.02 12.32 -1.69
CA ASP B 70 34.04 12.52 -0.24
C ASP B 70 32.77 13.19 0.24
N ASP B 71 31.79 13.31 -0.65
CA ASP B 71 30.48 13.83 -0.28
C ASP B 71 29.72 12.85 0.63
N ASP B 72 29.38 13.29 1.83
CA ASP B 72 28.50 12.54 2.71
C ASP B 72 27.05 12.89 2.41
N PRO B 73 26.33 11.98 1.73
CA PRO B 73 24.96 12.24 1.24
C PRO B 73 24.02 12.85 2.30
N ILE B 74 24.12 12.41 3.54
CA ILE B 74 23.27 12.95 4.60
C ILE B 74 23.61 14.40 4.88
N GLU B 75 24.90 14.70 4.92
CA GLU B 75 25.35 16.06 5.16
C GLU B 75 24.90 16.98 4.03
N GLU B 76 24.93 16.46 2.80
CA GLU B 76 24.58 17.26 1.63
C GLU B 76 23.08 17.50 1.59
N HIS B 77 22.32 16.50 2.02
CA HIS B 77 20.87 16.59 2.07
C HIS B 77 20.44 17.61 3.12
N LYS B 78 21.05 17.57 4.30
CA LYS B 78 20.72 18.52 5.36
C LYS B 78 20.98 19.97 4.93
N LYS B 79 22.11 20.20 4.29
CA LYS B 79 22.45 21.54 3.83
C LYS B 79 21.44 22.07 2.81
N HIS B 80 21.10 21.24 1.82
CA HIS B 80 20.23 21.68 0.74
C HIS B 80 18.71 21.65 1.04
N SER B 81 18.26 20.72 1.87
CA SER B 81 16.85 20.70 2.23
C SER B 81 16.66 20.39 3.71
N SER B 82 17.00 21.34 4.56
CA SER B 82 16.92 21.18 6.00
C SER B 82 15.50 20.89 6.46
N GLY B 83 14.52 21.27 5.65
CA GLY B 83 13.13 21.09 6.01
C GLY B 83 12.61 19.68 5.80
N CYS B 84 13.43 18.83 5.20
CA CYS B 84 12.99 17.50 4.82
C CYS B 84 12.68 16.59 6.03
N ALA B 85 11.43 16.16 6.10
CA ALA B 85 10.91 15.43 7.27
C ALA B 85 11.51 14.05 7.42
N PHE B 86 11.89 13.46 6.29
CA PHE B 86 12.50 12.15 6.25
C PHE B 86 13.82 12.21 7.00
N LEU B 87 14.47 13.36 6.92
CA LEU B 87 15.71 13.58 7.64
C LEU B 87 15.49 13.41 9.12
N SER B 88 14.24 13.50 9.56
CA SER B 88 13.93 13.49 10.99
C SER B 88 13.44 12.15 11.51
N VAL B 89 13.05 11.28 10.59
CA VAL B 89 12.64 9.92 10.93
C VAL B 89 13.81 9.13 11.48
N LYS B 90 13.83 8.93 12.79
CA LYS B 90 14.92 8.17 13.38
C LYS B 90 14.59 6.67 13.44
N LYS B 91 13.31 6.34 13.39
CA LYS B 91 12.91 4.95 13.48
C LYS B 91 13.34 4.14 12.25
N GLN B 92 13.48 2.83 12.43
CA GLN B 92 13.58 1.94 11.29
C GLN B 92 12.21 1.95 10.63
N PHE B 93 12.17 1.67 9.33
CA PHE B 93 10.91 1.69 8.61
C PHE B 93 9.81 0.84 9.27
N GLU B 94 10.04 -0.46 9.40
CA GLU B 94 9.02 -1.38 9.88
C GLU B 94 8.61 -1.12 11.33
N GLU B 95 9.38 -0.27 12.00
CA GLU B 95 9.04 0.15 13.37
C GLU B 95 8.06 1.32 13.39
N LEU B 96 7.64 1.80 12.22
CA LEU B 96 6.67 2.91 12.16
C LEU B 96 5.24 2.42 12.35
N THR B 97 4.42 3.23 13.01
CA THR B 97 3.00 2.93 13.10
C THR B 97 2.37 3.31 11.78
N LEU B 98 1.26 2.69 11.43
CA LEU B 98 0.59 3.06 10.20
C LEU B 98 0.18 4.52 10.17
N GLY B 99 -0.24 5.04 11.32
CA GLY B 99 -0.55 6.45 11.45
C GLY B 99 0.67 7.30 11.13
N GLU B 100 1.77 7.07 11.84
CA GLU B 100 3.04 7.75 11.56
C GLU B 100 3.41 7.69 10.08
N PHE B 101 3.24 6.52 9.47
CA PHE B 101 3.55 6.37 8.06
C PHE B 101 2.59 7.14 7.15
N LEU B 102 1.29 6.91 7.30
CA LEU B 102 0.30 7.69 6.53
C LEU B 102 0.47 9.20 6.71
N LYS B 103 0.76 9.62 7.94
CA LYS B 103 1.01 11.03 8.20
C LYS B 103 2.18 11.49 7.33
N LEU B 104 3.22 10.65 7.24
CA LEU B 104 4.40 10.95 6.44
C LEU B 104 4.12 10.93 4.94
N ASP B 105 3.29 9.99 4.52
CA ASP B 105 3.05 9.80 3.09
C ASP B 105 2.31 11.04 2.58
N ARG B 106 1.50 11.63 3.45
CA ARG B 106 0.77 12.84 3.13
C ARG B 106 1.69 14.03 3.06
N GLU B 107 2.78 14.03 3.82
CA GLU B 107 3.66 15.20 3.72
C GLU B 107 4.43 15.15 2.41
N ARG B 108 4.65 13.92 1.95
CA ARG B 108 5.37 13.71 0.70
C ARG B 108 4.49 14.16 -0.44
N ALA B 109 3.24 13.70 -0.40
CA ALA B 109 2.23 14.13 -1.36
C ALA B 109 2.22 15.65 -1.49
N LYS B 110 2.27 16.34 -0.36
CA LYS B 110 2.32 17.81 -0.34
C LYS B 110 3.63 18.29 -0.93
N ASN B 111 4.73 17.77 -0.40
CA ASN B 111 6.02 18.08 -0.98
C ASN B 111 6.01 17.97 -2.53
N LYS B 112 5.32 16.97 -3.06
CA LYS B 112 5.36 16.70 -4.49
C LYS B 112 4.59 17.79 -5.23
N ILE B 113 3.42 18.09 -4.67
CA ILE B 113 2.59 19.21 -5.09
C ILE B 113 3.41 20.49 -5.17
N ALA B 114 4.13 20.80 -4.10
CA ALA B 114 4.87 22.06 -4.06
C ALA B 114 5.89 22.17 -5.19
N LYS B 115 6.66 21.09 -5.38
CA LYS B 115 7.73 21.09 -6.37
C LYS B 115 7.10 21.30 -7.73
N GLU B 116 6.08 20.51 -8.05
CA GLU B 116 5.42 20.66 -9.34
C GLU B 116 4.84 22.05 -9.52
N THR B 117 4.22 22.56 -8.47
CA THR B 117 3.65 23.90 -8.52
C THR B 117 4.75 24.91 -8.72
N ASN B 118 5.82 24.78 -7.96
CA ASN B 118 6.92 25.70 -8.10
C ASN B 118 7.51 25.65 -9.51
N ASN B 119 7.47 24.48 -10.11
CA ASN B 119 7.98 24.32 -11.47
C ASN B 119 7.12 25.09 -12.46
N LYS B 120 5.83 24.75 -12.46
CA LYS B 120 4.83 25.40 -13.28
C LYS B 120 4.95 26.93 -13.17
N LYS B 121 5.31 27.40 -11.98
CA LYS B 121 5.53 28.82 -11.76
C LYS B 121 6.73 29.33 -12.57
N LYS B 122 7.87 28.68 -12.42
CA LYS B 122 9.06 29.07 -13.16
C LYS B 122 8.78 29.11 -14.66
N GLU B 123 8.20 28.02 -15.18
CA GLU B 123 7.84 27.91 -16.58
C GLU B 123 6.99 29.09 -17.05
N PHE B 124 6.00 29.41 -16.24
CA PHE B 124 5.06 30.47 -16.53
C PHE B 124 5.75 31.83 -16.46
N GLU B 125 6.55 32.05 -15.43
CA GLU B 125 7.28 33.31 -15.34
C GLU B 125 8.14 33.49 -16.59
N GLU B 126 8.81 32.42 -17.01
CA GLU B 126 9.65 32.46 -18.20
C GLU B 126 8.83 32.84 -19.43
N THR B 127 7.64 32.28 -19.55
CA THR B 127 6.80 32.58 -20.70
C THR B 127 6.34 34.03 -20.62
N ALA B 128 6.12 34.50 -19.40
CA ALA B 128 5.60 35.83 -19.23
C ALA B 128 6.67 36.81 -19.62
N LYS B 129 7.92 36.38 -19.49
CA LYS B 129 9.07 37.20 -19.85
C LYS B 129 9.16 37.36 -21.37
N LYS B 130 9.07 36.25 -22.09
CA LYS B 130 9.11 36.26 -23.55
C LYS B 130 8.05 37.14 -24.17
N VAL B 131 6.82 36.93 -23.71
CA VAL B 131 5.67 37.67 -24.21
C VAL B 131 5.83 39.16 -23.99
N ARG B 132 6.22 39.52 -22.77
CA ARG B 132 6.47 40.91 -22.42
C ARG B 132 7.49 41.53 -23.38
N ARG B 133 8.62 40.85 -23.58
CA ARG B 133 9.65 41.35 -24.48
C ARG B 133 9.13 41.55 -25.89
N ALA B 134 8.45 40.54 -26.43
CA ALA B 134 7.93 40.67 -27.79
C ALA B 134 7.18 41.98 -27.95
N ILE B 135 6.31 42.27 -26.95
CA ILE B 135 5.51 43.48 -26.91
C ILE B 135 6.37 44.74 -26.80
N GLU B 136 7.39 44.68 -25.95
CA GLU B 136 8.33 45.79 -25.82
C GLU B 136 9.02 46.08 -27.16
N GLN B 137 9.57 45.06 -27.81
CA GLN B 137 10.26 45.26 -29.08
C GLN B 137 9.33 45.81 -30.15
N LEU B 138 8.03 45.65 -29.95
CA LEU B 138 7.06 46.18 -30.90
C LEU B 138 6.84 47.67 -30.71
N ALA B 139 6.85 48.08 -29.45
CA ALA B 139 6.67 49.49 -29.11
C ALA B 139 8.00 50.25 -29.15
N ALA B 140 9.02 49.62 -29.73
CA ALA B 140 10.34 50.24 -29.86
C ALA B 140 10.49 50.84 -31.25
N MET B 141 9.37 51.06 -31.92
CA MET B 141 9.36 51.52 -33.30
C MET B 141 8.02 52.16 -33.65
N ALA C 1 -25.24 -18.83 12.18
CA ALA C 1 -25.10 -18.74 10.72
C ALA C 1 -24.53 -20.03 10.14
N LYS C 2 -25.09 -20.44 9.01
CA LYS C 2 -24.70 -21.67 8.34
C LYS C 2 -23.42 -21.46 7.53
N GLU C 3 -22.76 -22.56 7.21
CA GLU C 3 -21.57 -22.52 6.36
C GLU C 3 -21.96 -22.89 4.94
N ARG C 4 -21.28 -22.30 3.95
CA ARG C 4 -21.71 -22.43 2.56
C ARG C 4 -21.85 -23.88 2.08
N ALA D 1 28.09 18.67 -3.36
CA ALA D 1 27.18 18.70 -4.49
C ALA D 1 26.41 20.02 -4.53
N LYS D 2 25.85 20.34 -5.69
CA LYS D 2 25.09 21.58 -5.86
C LYS D 2 23.69 21.27 -6.37
N GLU D 3 22.89 22.31 -6.56
CA GLU D 3 21.50 22.15 -6.95
C GLU D 3 21.32 22.25 -8.47
N ARG D 4 20.44 21.41 -9.02
CA ARG D 4 20.11 21.45 -10.45
C ARG D 4 19.84 22.87 -10.92
ZN ZN E . -11.45 -14.95 9.76
ZN ZN F . 14.52 15.16 1.38
#